data_9BRI
#
_entry.id   9BRI
#
_cell.length_a   137.850
_cell.length_b   137.850
_cell.length_c   70.764
_cell.angle_alpha   90.000
_cell.angle_beta   90.000
_cell.angle_gamma   90.000
#
_symmetry.space_group_name_H-M   'P 41 21 2'
#
loop_
_entity.id
_entity.type
_entity.pdbx_description
1 polymer 'G protein-coupled receptor kinase 5'
2 non-polymer (3Z)-3-[(3,5-dimethyl-4-{[(2S)-5-oxooxolane-2-carbonyl]amino}-1H-pyrrol-2-yl)methylidene]-N-[(1R)-1-(4-fluorophenyl)ethyl]-2-oxo-2,3-dihydro-1H-indole-5-carboxamide
3 water water
#
_entity_poly.entity_id   1
_entity_poly.type   'polypeptide(L)'
_entity_poly.pdbx_seq_one_letter_code
;MELENIVANTVLLKAREGGGGKRKGKSKKWKEILKFPHISQCEDLRRTIDRDYCSLCDKQPIGRLLFRQFCETRPGLECY
IQFLDSVAEYEVTPDEKLGEKGKEIMTKYLTPKSPVFIAQVGQDLVSQTEEKLLQKPCKELFSACAQSVHEYLRGEPFHE
YLDSMFFDRFLQWKWLERQPVTKNTFRQYRVLGKGGFGEVCACQVRATGKMYACKRLEKKRIKKRKGESMALNEKQILEK
VNSQFVVNLAYAYETKDALCLVLTIMNGGDLKFHIYNMGNPGFEEERALFYAAEILCGLEDLHRENTVYRNLKPENILLD
DYGHIRISDLGLAVKIPEGDLIRGRVGTVGYMAPEVLNNQRYGLSPDYWGLGCLIYEMIEGQSPFRGRKEKVKREEVDRR
VLETEEVYSHKFSEEAKSICKMLLTKDAKQRLGCQEEGAAEVKRHPFFRNMNFKRLEAGMLDPPFVPDPRAVYCKDVLDI
EQFSTVKGVNLDHTDDDFYSKFSTGSVSIPWQNEMIETECFKELNVFGPNGTLPPDLNRNHPPEPPKKGLLQRLFKRQHQ
NNSKSSPSSKTSFNHHINSNHVSSNSTGSSVDHHHHHH
;
_entity_poly.pdbx_strand_id   A
#
# COMPACT_ATOMS: atom_id res chain seq x y z
N GLY A 25 -9.06 21.26 -8.90
CA GLY A 25 -8.31 21.88 -9.98
C GLY A 25 -8.34 21.06 -11.25
N LYS A 26 -9.54 20.58 -11.61
CA LYS A 26 -9.71 19.81 -12.82
C LYS A 26 -9.73 20.70 -14.05
N SER A 27 -9.18 20.20 -15.15
CA SER A 27 -9.21 20.92 -16.41
C SER A 27 -10.63 21.35 -16.74
N LYS A 28 -10.74 22.47 -17.45
CA LYS A 28 -12.05 23.04 -17.75
C LYS A 28 -12.97 22.02 -18.41
N LYS A 29 -12.46 21.26 -19.37
CA LYS A 29 -13.28 20.25 -20.03
C LYS A 29 -12.82 18.85 -19.64
N TRP A 30 -12.83 18.57 -18.34
CA TRP A 30 -12.41 17.25 -17.88
C TRP A 30 -13.46 16.19 -18.15
N LYS A 31 -14.72 16.59 -18.33
CA LYS A 31 -15.76 15.62 -18.67
C LYS A 31 -15.65 15.17 -20.12
N GLU A 32 -15.10 16.02 -20.99
CA GLU A 32 -14.74 15.58 -22.33
C GLU A 32 -13.65 14.51 -22.28
N ILE A 33 -12.64 14.73 -21.43
CA ILE A 33 -11.51 13.80 -21.37
C ILE A 33 -11.96 12.46 -20.82
N LEU A 34 -12.54 12.45 -19.62
CA LEU A 34 -13.04 11.21 -19.02
C LEU A 34 -14.41 10.81 -19.53
N LYS A 35 -14.86 11.35 -20.67
CA LYS A 35 -16.13 10.94 -21.23
C LYS A 35 -16.13 9.43 -21.48
N PHE A 36 -17.18 8.77 -21.02
CA PHE A 36 -17.28 7.34 -21.24
C PHE A 36 -17.29 7.05 -22.73
N PRO A 37 -16.67 5.96 -23.17
CA PRO A 37 -16.91 5.47 -24.52
C PRO A 37 -18.25 4.76 -24.59
N HIS A 38 -18.75 4.61 -25.82
CA HIS A 38 -19.95 3.82 -26.01
C HIS A 38 -19.62 2.35 -25.76
N ILE A 39 -20.54 1.63 -25.10
CA ILE A 39 -20.28 0.27 -24.66
C ILE A 39 -19.79 -0.58 -25.83
N SER A 40 -20.15 -0.20 -27.06
CA SER A 40 -19.73 -0.94 -28.24
C SER A 40 -18.21 -0.88 -28.45
N GLN A 41 -17.53 0.11 -27.86
CA GLN A 41 -16.09 0.22 -28.00
C GLN A 41 -15.32 -0.74 -27.10
N CYS A 42 -16.01 -1.48 -26.23
CA CYS A 42 -15.37 -2.27 -25.19
C CYS A 42 -15.47 -3.78 -25.46
N GLU A 43 -15.87 -4.20 -26.65
CA GLU A 43 -16.03 -5.62 -26.90
C GLU A 43 -14.72 -6.38 -26.77
N ASP A 44 -13.60 -5.77 -27.16
CA ASP A 44 -12.31 -6.42 -26.99
C ASP A 44 -11.96 -6.56 -25.51
N LEU A 45 -12.38 -5.61 -24.68
CA LEU A 45 -12.17 -5.71 -23.25
C LEU A 45 -13.04 -6.81 -22.64
N ARG A 46 -14.28 -6.91 -23.11
CA ARG A 46 -15.21 -7.89 -22.54
C ARG A 46 -14.67 -9.30 -22.67
N ARG A 47 -13.88 -9.59 -23.70
CA ARG A 47 -13.41 -10.93 -23.97
C ARG A 47 -11.95 -11.16 -23.60
N THR A 48 -11.26 -10.14 -23.07
CA THR A 48 -9.91 -10.30 -22.58
C THR A 48 -9.80 -10.17 -21.06
N ILE A 49 -10.68 -9.40 -20.43
CA ILE A 49 -10.69 -9.30 -18.98
C ILE A 49 -11.10 -10.65 -18.39
N ASP A 50 -10.26 -11.18 -17.51
CA ASP A 50 -10.59 -12.41 -16.82
C ASP A 50 -11.64 -12.13 -15.74
N ARG A 51 -12.60 -13.04 -15.63
CA ARG A 51 -13.78 -12.82 -14.77
C ARG A 51 -13.55 -13.42 -13.39
N ASP A 52 -12.53 -12.90 -12.71
CA ASP A 52 -12.22 -13.29 -11.34
C ASP A 52 -13.05 -12.46 -10.39
N TYR A 53 -13.83 -13.13 -9.52
CA TYR A 53 -14.69 -12.42 -8.59
C TYR A 53 -13.89 -11.50 -7.67
N CYS A 54 -12.79 -12.01 -7.10
CA CYS A 54 -12.02 -11.20 -6.16
C CYS A 54 -11.43 -9.97 -6.84
N SER A 55 -11.01 -10.11 -8.10
CA SER A 55 -10.44 -8.96 -8.81
C SER A 55 -11.51 -7.97 -9.23
N LEU A 56 -12.57 -8.44 -9.89
CA LEU A 56 -13.58 -7.54 -10.43
C LEU A 56 -14.47 -6.93 -9.35
N CYS A 57 -14.60 -7.58 -8.19
CA CYS A 57 -15.54 -7.14 -7.18
C CYS A 57 -14.90 -6.72 -5.86
N ASP A 58 -13.57 -6.76 -5.76
CA ASP A 58 -12.94 -6.42 -4.48
C ASP A 58 -11.60 -5.69 -4.68
N LYS A 59 -10.62 -6.35 -5.29
CA LYS A 59 -9.30 -5.73 -5.43
C LYS A 59 -9.40 -4.43 -6.24
N GLN A 60 -10.10 -4.45 -7.35
CA GLN A 60 -10.21 -3.26 -8.19
C GLN A 60 -11.22 -2.30 -7.57
N PRO A 61 -10.81 -1.09 -7.14
CA PRO A 61 -11.75 -0.23 -6.40
C PRO A 61 -13.06 0.05 -7.12
N ILE A 62 -13.00 0.38 -8.41
CA ILE A 62 -14.20 0.78 -9.13
C ILE A 62 -15.08 -0.42 -9.43
N GLY A 63 -14.47 -1.59 -9.66
CA GLY A 63 -15.27 -2.79 -9.77
C GLY A 63 -16.03 -3.08 -8.49
N ARG A 64 -15.34 -2.99 -7.36
CA ARG A 64 -15.96 -3.22 -6.07
C ARG A 64 -17.21 -2.36 -5.90
N LEU A 65 -17.09 -1.06 -6.15
CA LEU A 65 -18.26 -0.18 -6.04
C LEU A 65 -19.37 -0.62 -6.99
N LEU A 66 -19.03 -0.83 -8.27
CA LEU A 66 -20.06 -1.16 -9.25
C LEU A 66 -20.80 -2.44 -8.87
N PHE A 67 -20.07 -3.46 -8.39
CA PHE A 67 -20.74 -4.68 -7.95
C PHE A 67 -21.60 -4.42 -6.72
N ARG A 68 -21.07 -3.67 -5.76
CA ARG A 68 -21.88 -3.28 -4.60
C ARG A 68 -23.12 -2.52 -5.03
N GLN A 69 -22.97 -1.64 -6.03
CA GLN A 69 -24.12 -0.90 -6.56
C GLN A 69 -25.12 -1.83 -7.25
N PHE A 70 -24.64 -2.91 -7.86
CA PHE A 70 -25.56 -3.89 -8.44
C PHE A 70 -26.40 -4.54 -7.37
N CYS A 71 -25.80 -4.87 -6.22
CA CYS A 71 -26.55 -5.50 -5.15
C CYS A 71 -27.50 -4.52 -4.46
N GLU A 72 -27.28 -3.21 -4.60
CA GLU A 72 -28.24 -2.24 -4.07
C GLU A 72 -29.58 -2.31 -4.81
N THR A 73 -29.55 -2.70 -6.08
CA THR A 73 -30.78 -2.77 -6.88
C THR A 73 -31.60 -4.01 -6.59
N ARG A 74 -30.99 -5.04 -6.02
CA ARG A 74 -31.72 -6.26 -5.69
C ARG A 74 -32.13 -6.27 -4.23
N PRO A 75 -33.32 -6.78 -3.89
CA PRO A 75 -33.69 -6.82 -2.47
C PRO A 75 -32.91 -7.85 -1.69
N GLY A 76 -32.63 -9.01 -2.28
CA GLY A 76 -31.98 -10.10 -1.57
C GLY A 76 -30.49 -9.89 -1.38
N LEU A 77 -29.83 -9.33 -2.39
CA LEU A 77 -28.39 -9.09 -2.27
C LEU A 77 -28.08 -7.93 -1.33
N GLU A 78 -28.95 -6.92 -1.31
CA GLU A 78 -28.72 -5.72 -0.50
C GLU A 78 -28.20 -6.05 0.89
N CYS A 79 -28.83 -7.01 1.57
CA CYS A 79 -28.47 -7.29 2.95
C CYS A 79 -27.11 -7.96 3.10
N TYR A 80 -26.61 -8.62 2.05
CA TYR A 80 -25.30 -9.25 2.15
C TYR A 80 -24.16 -8.23 2.10
N ILE A 81 -24.37 -7.11 1.42
CA ILE A 81 -23.37 -6.04 1.43
C ILE A 81 -23.39 -5.34 2.79
N GLN A 82 -24.59 -5.00 3.29
CA GLN A 82 -24.68 -4.35 4.60
C GLN A 82 -24.00 -5.19 5.67
N PHE A 83 -24.18 -6.52 5.62
CA PHE A 83 -23.61 -7.39 6.64
C PHE A 83 -22.08 -7.37 6.60
N LEU A 84 -21.50 -7.50 5.40
CA LEU A 84 -20.05 -7.43 5.29
C LEU A 84 -19.52 -6.08 5.76
N ASP A 85 -20.28 -5.00 5.53
CA ASP A 85 -19.86 -3.69 6.03
C ASP A 85 -19.80 -3.66 7.55
N SER A 86 -20.76 -4.32 8.21
CA SER A 86 -20.78 -4.33 9.67
C SER A 86 -19.74 -5.27 10.26
N VAL A 87 -19.30 -6.28 9.50
CA VAL A 87 -18.20 -7.11 9.98
C VAL A 87 -16.88 -6.36 9.87
N ALA A 88 -16.72 -5.55 8.82
CA ALA A 88 -15.55 -4.70 8.72
C ALA A 88 -15.43 -3.78 9.93
N GLU A 89 -16.53 -3.15 10.32
CA GLU A 89 -16.53 -2.32 11.52
C GLU A 89 -16.23 -3.12 12.77
N TYR A 90 -16.66 -4.39 12.81
CA TYR A 90 -16.41 -5.22 13.98
C TYR A 90 -14.92 -5.49 14.16
N GLU A 91 -14.18 -5.69 13.07
CA GLU A 91 -12.78 -6.07 13.19
C GLU A 91 -11.95 -4.95 13.81
N VAL A 92 -12.28 -3.69 13.49
CA VAL A 92 -11.55 -2.54 14.02
C VAL A 92 -12.20 -1.96 15.26
N THR A 93 -13.29 -2.55 15.75
CA THR A 93 -13.91 -2.07 16.97
C THR A 93 -12.94 -2.26 18.14
N PRO A 94 -12.92 -1.35 19.11
CA PRO A 94 -12.08 -1.55 20.29
C PRO A 94 -12.46 -2.83 21.03
N ASP A 95 -11.50 -3.36 21.78
CA ASP A 95 -11.71 -4.65 22.44
C ASP A 95 -12.85 -4.60 23.43
N GLU A 96 -12.92 -3.55 24.24
CA GLU A 96 -13.94 -3.47 25.28
C GLU A 96 -15.32 -3.10 24.73
N LYS A 97 -15.43 -2.81 23.43
CA LYS A 97 -16.72 -2.58 22.79
C LYS A 97 -17.08 -3.70 21.81
N LEU A 98 -16.37 -4.82 21.85
CA LEU A 98 -16.67 -5.92 20.94
C LEU A 98 -18.02 -6.55 21.23
N GLY A 99 -18.20 -7.04 22.46
CA GLY A 99 -19.46 -7.67 22.83
C GLY A 99 -20.67 -6.83 22.48
N GLU A 100 -20.51 -5.50 22.52
CA GLU A 100 -21.61 -4.61 22.16
C GLU A 100 -21.89 -4.67 20.66
N LYS A 101 -20.85 -4.52 19.84
CA LYS A 101 -21.05 -4.52 18.39
C LYS A 101 -21.36 -5.91 17.87
N GLY A 102 -20.86 -6.96 18.54
CA GLY A 102 -21.15 -8.31 18.09
C GLY A 102 -22.62 -8.66 18.21
N LYS A 103 -23.21 -8.42 19.38
CA LYS A 103 -24.63 -8.67 19.56
C LYS A 103 -25.45 -7.93 18.52
N GLU A 104 -25.13 -6.66 18.28
CA GLU A 104 -25.89 -5.86 17.31
C GLU A 104 -25.93 -6.53 15.95
N ILE A 105 -24.78 -7.01 15.47
CA ILE A 105 -24.73 -7.68 14.17
C ILE A 105 -25.60 -8.93 14.19
N MET A 106 -25.45 -9.75 15.23
CA MET A 106 -26.24 -10.96 15.35
C MET A 106 -27.74 -10.65 15.25
N THR A 107 -28.22 -9.76 16.10
CA THR A 107 -29.65 -9.48 16.17
C THR A 107 -30.18 -8.73 14.95
N LYS A 108 -29.32 -8.27 14.06
CA LYS A 108 -29.75 -7.53 12.88
C LYS A 108 -29.69 -8.35 11.60
N TYR A 109 -28.71 -9.25 11.47
CA TYR A 109 -28.52 -10.02 10.25
C TYR A 109 -28.70 -11.52 10.42
N LEU A 110 -28.51 -12.05 11.62
CA LEU A 110 -28.51 -13.50 11.84
C LEU A 110 -29.67 -13.96 12.71
N THR A 111 -30.74 -13.17 12.78
CA THR A 111 -31.99 -13.56 13.44
C THR A 111 -33.01 -13.99 12.39
N PRO A 112 -33.75 -15.08 12.61
CA PRO A 112 -34.62 -15.58 11.53
C PRO A 112 -35.64 -14.56 11.01
N LYS A 113 -36.19 -13.73 11.89
CA LYS A 113 -37.26 -12.81 11.49
C LYS A 113 -36.74 -11.43 11.10
N SER A 114 -35.42 -11.25 10.98
CA SER A 114 -34.91 -9.95 10.58
C SER A 114 -35.32 -9.65 9.13
N PRO A 115 -35.66 -8.40 8.82
CA PRO A 115 -35.93 -8.06 7.41
C PRO A 115 -34.68 -8.13 6.54
N VAL A 116 -33.49 -8.05 7.14
CA VAL A 116 -32.23 -8.11 6.42
C VAL A 116 -31.48 -9.36 6.85
N PHE A 117 -32.22 -10.46 7.05
CA PHE A 117 -31.63 -11.70 7.54
C PHE A 117 -30.78 -12.36 6.46
N ILE A 118 -29.66 -12.94 6.89
CA ILE A 118 -28.73 -13.64 6.00
C ILE A 118 -29.14 -15.11 5.95
N ALA A 119 -29.46 -15.59 4.75
CA ALA A 119 -30.06 -16.91 4.57
C ALA A 119 -29.06 -17.98 4.13
N GLN A 120 -28.09 -17.63 3.29
CA GLN A 120 -27.18 -18.66 2.79
C GLN A 120 -26.31 -19.23 3.89
N VAL A 121 -26.00 -18.43 4.92
CA VAL A 121 -25.35 -18.95 6.11
C VAL A 121 -26.31 -19.95 6.76
N GLY A 122 -25.93 -21.22 6.74
CA GLY A 122 -26.81 -22.24 7.27
C GLY A 122 -27.13 -22.00 8.74
N GLN A 123 -28.31 -22.43 9.16
CA GLN A 123 -28.68 -22.34 10.56
C GLN A 123 -27.66 -23.02 11.46
N ASP A 124 -26.91 -23.99 10.93
CA ASP A 124 -25.79 -24.58 11.65
C ASP A 124 -24.57 -23.65 11.69
N LEU A 125 -24.65 -22.47 11.09
CA LEU A 125 -23.62 -21.45 11.24
C LEU A 125 -24.11 -20.21 11.96
N VAL A 126 -25.42 -19.98 12.00
CA VAL A 126 -25.98 -18.90 12.80
C VAL A 126 -26.07 -19.33 14.26
N SER A 127 -26.42 -20.59 14.50
CA SER A 127 -26.42 -21.13 15.87
C SER A 127 -25.01 -21.42 16.36
N GLN A 128 -24.04 -21.54 15.45
CA GLN A 128 -22.64 -21.69 15.86
C GLN A 128 -22.07 -20.35 16.35
N THR A 129 -22.25 -19.30 15.56
CA THR A 129 -21.79 -17.97 15.98
C THR A 129 -22.58 -17.43 17.16
N GLU A 130 -23.71 -18.05 17.51
CA GLU A 130 -24.36 -17.74 18.77
C GLU A 130 -23.48 -18.14 19.94
N GLU A 131 -22.81 -19.29 19.84
CA GLU A 131 -21.99 -19.77 20.95
C GLU A 131 -20.77 -18.89 21.15
N LYS A 132 -20.14 -18.44 20.06
CA LYS A 132 -19.01 -17.52 20.19
C LYS A 132 -19.39 -16.30 21.02
N LEU A 133 -20.62 -15.82 20.86
CA LEU A 133 -21.09 -14.68 21.65
C LEU A 133 -21.47 -15.09 23.06
N LEU A 134 -21.88 -16.35 23.27
CA LEU A 134 -22.10 -16.86 24.61
C LEU A 134 -20.79 -16.97 25.40
N GLN A 135 -19.65 -16.82 24.74
CA GLN A 135 -18.36 -16.78 25.42
C GLN A 135 -17.66 -15.46 25.11
N LYS A 136 -16.35 -15.38 25.34
CA LYS A 136 -15.63 -14.15 25.06
C LYS A 136 -15.66 -13.85 23.56
N PRO A 137 -15.56 -12.58 23.17
CA PRO A 137 -15.55 -12.26 21.74
C PRO A 137 -14.15 -12.06 21.17
N CYS A 138 -13.94 -12.52 19.94
CA CYS A 138 -12.70 -12.30 19.21
C CYS A 138 -12.96 -11.39 18.00
N LYS A 139 -11.88 -10.83 17.46
CA LYS A 139 -12.02 -9.93 16.32
C LYS A 139 -12.53 -10.65 15.08
N GLU A 140 -12.45 -11.98 15.03
CA GLU A 140 -12.82 -12.76 13.86
C GLU A 140 -14.04 -13.64 14.12
N LEU A 141 -14.95 -13.19 15.00
CA LEU A 141 -16.15 -13.97 15.27
C LEU A 141 -16.93 -14.23 13.98
N PHE A 142 -17.06 -13.22 13.12
CA PHE A 142 -17.86 -13.29 11.92
C PHE A 142 -17.04 -13.64 10.69
N SER A 143 -15.82 -14.13 10.88
CA SER A 143 -15.03 -14.57 9.72
C SER A 143 -15.63 -15.82 9.10
N ALA A 144 -16.19 -16.71 9.92
CA ALA A 144 -16.86 -17.89 9.38
C ALA A 144 -18.03 -17.49 8.49
N CYS A 145 -18.85 -16.54 8.95
CA CYS A 145 -20.03 -16.15 8.21
C CYS A 145 -19.68 -15.28 7.00
N ALA A 146 -18.65 -14.45 7.11
CA ALA A 146 -18.28 -13.57 6.00
C ALA A 146 -17.86 -14.38 4.78
N GLN A 147 -17.10 -15.45 4.98
CA GLN A 147 -16.70 -16.30 3.86
C GLN A 147 -17.91 -17.00 3.25
N SER A 148 -18.78 -17.56 4.10
CA SER A 148 -20.04 -18.11 3.60
C SER A 148 -20.75 -17.12 2.70
N VAL A 149 -20.84 -15.86 3.15
CA VAL A 149 -21.45 -14.81 2.33
C VAL A 149 -20.72 -14.70 0.99
N HIS A 150 -19.40 -14.55 1.04
CA HIS A 150 -18.63 -14.37 -0.20
C HIS A 150 -18.77 -15.57 -1.12
N GLU A 151 -18.77 -16.78 -0.56
CA GLU A 151 -18.95 -17.97 -1.40
C GLU A 151 -20.28 -17.94 -2.14
N TYR A 152 -21.31 -17.32 -1.55
CA TYR A 152 -22.58 -17.18 -2.25
C TYR A 152 -22.51 -16.16 -3.36
N LEU A 153 -21.87 -15.01 -3.09
CA LEU A 153 -21.81 -13.94 -4.08
C LEU A 153 -20.93 -14.33 -5.27
N ARG A 154 -19.94 -15.20 -5.03
CA ARG A 154 -19.09 -15.68 -6.11
C ARG A 154 -19.92 -16.33 -7.21
N GLY A 155 -20.97 -17.04 -6.83
CA GLY A 155 -21.76 -17.79 -7.79
C GLY A 155 -22.82 -16.99 -8.50
N GLU A 156 -24.08 -17.20 -8.10
CA GLU A 156 -25.20 -16.64 -8.85
C GLU A 156 -25.16 -15.12 -8.91
N PRO A 157 -24.96 -14.39 -7.82
CA PRO A 157 -24.97 -12.91 -7.92
C PRO A 157 -23.87 -12.37 -8.82
N PHE A 158 -22.65 -12.91 -8.73
CA PHE A 158 -21.55 -12.39 -9.52
C PHE A 158 -21.79 -12.61 -11.01
N HIS A 159 -22.27 -13.79 -11.39
CA HIS A 159 -22.50 -14.06 -12.81
C HIS A 159 -23.68 -13.25 -13.35
N GLU A 160 -24.61 -12.84 -12.50
CA GLU A 160 -25.65 -11.91 -12.93
C GLU A 160 -25.09 -10.52 -13.13
N TYR A 161 -24.25 -10.05 -12.20
CA TYR A 161 -23.59 -8.75 -12.37
C TYR A 161 -22.82 -8.68 -13.68
N LEU A 162 -22.26 -9.80 -14.13
CA LEU A 162 -21.52 -9.80 -15.38
C LEU A 162 -22.44 -9.46 -16.55
N ASP A 163 -23.68 -9.93 -16.51
CA ASP A 163 -24.65 -9.65 -17.55
C ASP A 163 -25.49 -8.41 -17.24
N SER A 164 -25.07 -7.59 -16.28
CA SER A 164 -25.79 -6.39 -15.89
C SER A 164 -25.14 -5.16 -16.53
N MET A 165 -25.84 -4.03 -16.44
CA MET A 165 -25.31 -2.78 -16.98
C MET A 165 -24.21 -2.19 -16.13
N PHE A 166 -24.01 -2.70 -14.91
CA PHE A 166 -22.93 -2.20 -14.07
C PHE A 166 -21.59 -2.77 -14.49
N PHE A 167 -21.58 -3.96 -15.10
CA PHE A 167 -20.34 -4.48 -15.63
C PHE A 167 -19.99 -3.84 -16.97
N ASP A 168 -21.00 -3.60 -17.81
CA ASP A 168 -20.78 -2.74 -18.97
C ASP A 168 -20.16 -1.42 -18.55
N ARG A 169 -20.68 -0.82 -17.48
CA ARG A 169 -20.10 0.42 -16.98
C ARG A 169 -18.65 0.22 -16.54
N PHE A 170 -18.36 -0.91 -15.89
CA PHE A 170 -16.99 -1.22 -15.52
C PHE A 170 -16.09 -1.30 -16.75
N LEU A 171 -16.61 -1.88 -17.84
CA LEU A 171 -15.83 -1.96 -19.07
C LEU A 171 -15.55 -0.56 -19.61
N GLN A 172 -16.50 0.37 -19.46
CA GLN A 172 -16.24 1.74 -19.86
C GLN A 172 -15.13 2.36 -19.02
N TRP A 173 -15.14 2.11 -17.69
CA TRP A 173 -14.09 2.64 -16.83
C TRP A 173 -12.74 2.01 -17.15
N LYS A 174 -12.72 0.71 -17.48
CA LYS A 174 -11.47 0.08 -17.91
C LYS A 174 -10.96 0.71 -19.20
N TRP A 175 -11.86 0.93 -20.16
CA TRP A 175 -11.45 1.55 -21.42
C TRP A 175 -10.75 2.88 -21.17
N LEU A 176 -11.28 3.69 -20.25
CA LEU A 176 -10.59 4.92 -19.88
C LEU A 176 -9.25 4.62 -19.24
N GLU A 177 -9.23 3.68 -18.29
CA GLU A 177 -8.01 3.38 -17.55
C GLU A 177 -6.85 3.05 -18.48
N ARG A 178 -7.14 2.38 -19.60
CA ARG A 178 -6.09 1.92 -20.50
C ARG A 178 -5.68 2.99 -21.51
N GLN A 179 -6.35 4.14 -21.54
CA GLN A 179 -5.99 5.18 -22.49
C GLN A 179 -4.52 5.56 -22.30
N PRO A 180 -3.87 6.04 -23.35
CA PRO A 180 -2.43 6.29 -23.27
C PRO A 180 -2.13 7.49 -22.38
N VAL A 181 -0.95 7.46 -21.79
CA VAL A 181 -0.49 8.51 -20.88
C VAL A 181 0.71 9.19 -21.50
N THR A 182 0.71 10.51 -21.49
CA THR A 182 1.80 11.30 -22.09
C THR A 182 2.09 12.48 -21.17
N LYS A 183 2.96 13.37 -21.65
CA LYS A 183 3.28 14.57 -20.88
C LYS A 183 2.07 15.47 -20.71
N ASN A 184 1.15 15.47 -21.69
CA ASN A 184 -0.02 16.36 -21.59
C ASN A 184 -0.99 15.89 -20.53
N THR A 185 -1.02 14.58 -20.22
CA THR A 185 -1.88 14.09 -19.16
C THR A 185 -1.59 14.77 -17.84
N PHE A 186 -0.40 15.34 -17.66
CA PHE A 186 0.06 15.89 -16.41
C PHE A 186 0.34 17.40 -16.54
N ARG A 187 0.99 17.95 -15.52
CA ARG A 187 1.18 19.39 -15.39
C ARG A 187 2.24 19.62 -14.32
N GLN A 188 3.51 19.65 -14.73
CA GLN A 188 4.60 19.72 -13.77
C GLN A 188 4.65 21.08 -13.11
N TYR A 189 5.05 21.10 -11.83
CA TYR A 189 5.05 22.31 -11.04
C TYR A 189 6.45 22.70 -10.56
N ARG A 190 6.93 22.07 -9.50
CA ARG A 190 8.18 22.47 -8.87
C ARG A 190 9.08 21.26 -8.63
N VAL A 191 10.38 21.49 -8.73
CA VAL A 191 11.38 20.44 -8.50
C VAL A 191 11.54 20.25 -7.01
N LEU A 192 10.82 19.28 -6.44
CA LEU A 192 10.84 19.02 -5.01
C LEU A 192 11.65 17.76 -4.75
N GLY A 193 12.97 17.92 -4.70
CA GLY A 193 13.88 16.83 -4.44
C GLY A 193 14.81 16.52 -5.59
N LYS A 194 16.01 16.01 -5.26
CA LYS A 194 16.98 15.60 -6.26
C LYS A 194 17.72 14.37 -5.74
N GLY A 195 18.70 13.91 -6.52
CA GLY A 195 19.49 12.75 -6.14
C GLY A 195 20.26 12.17 -7.30
N GLY A 196 20.13 10.86 -7.50
CA GLY A 196 20.81 10.17 -8.59
C GLY A 196 19.84 9.80 -9.69
N PHE A 197 20.35 9.81 -10.93
CA PHE A 197 19.61 9.46 -12.14
C PHE A 197 18.54 10.47 -12.52
N GLY A 198 18.46 11.61 -11.82
CA GLY A 198 17.52 12.65 -12.19
C GLY A 198 17.10 13.47 -10.98
N GLU A 199 15.86 13.93 -11.03
CA GLU A 199 15.27 14.69 -9.93
C GLU A 199 13.83 14.25 -9.72
N VAL A 200 13.20 14.80 -8.70
CA VAL A 200 11.82 14.48 -8.34
C VAL A 200 11.02 15.78 -8.38
N CYS A 201 10.07 15.87 -9.31
CA CYS A 201 9.16 16.99 -9.43
C CYS A 201 7.82 16.67 -8.76
N ALA A 202 6.97 17.68 -8.70
CA ALA A 202 5.60 17.53 -8.23
C ALA A 202 4.66 17.85 -9.39
N CYS A 203 3.89 16.87 -9.82
CA CYS A 203 2.98 17.03 -10.94
C CYS A 203 1.54 16.93 -10.48
N GLN A 204 0.62 17.14 -11.43
CA GLN A 204 -0.80 17.08 -11.17
C GLN A 204 -1.48 16.54 -12.43
N VAL A 205 -2.50 15.72 -12.24
CA VAL A 205 -3.30 15.23 -13.37
C VAL A 205 -4.30 16.31 -13.73
N ARG A 206 -4.24 16.79 -14.97
CA ARG A 206 -5.07 17.92 -15.36
C ARG A 206 -6.55 17.59 -15.27
N ALA A 207 -6.93 16.37 -15.68
CA ALA A 207 -8.34 16.03 -15.78
C ALA A 207 -8.98 15.79 -14.42
N THR A 208 -8.20 15.35 -13.43
CA THR A 208 -8.72 15.06 -12.10
C THR A 208 -8.19 15.99 -11.01
N GLY A 209 -7.03 16.60 -11.23
CA GLY A 209 -6.44 17.50 -10.25
C GLY A 209 -5.66 16.83 -9.14
N LYS A 210 -5.46 15.52 -9.21
CA LYS A 210 -4.74 14.81 -8.15
C LYS A 210 -3.24 15.06 -8.28
N MET A 211 -2.59 15.21 -7.13
CA MET A 211 -1.17 15.52 -7.07
C MET A 211 -0.34 14.26 -6.94
N TYR A 212 0.81 14.26 -7.61
CA TYR A 212 1.77 13.17 -7.54
C TYR A 212 3.17 13.76 -7.50
N ALA A 213 4.17 12.89 -7.51
CA ALA A 213 5.57 13.29 -7.51
C ALA A 213 6.29 12.52 -8.61
N CYS A 214 6.64 13.20 -9.69
CA CYS A 214 7.38 12.54 -10.77
C CYS A 214 8.80 12.23 -10.35
N LYS A 215 9.29 11.09 -10.84
CA LYS A 215 10.68 10.72 -10.67
C LYS A 215 11.31 10.73 -12.06
N ARG A 216 11.56 11.94 -12.55
CA ARG A 216 12.12 12.14 -13.89
C ARG A 216 13.51 11.52 -13.99
N LEU A 217 13.62 10.41 -14.70
CA LEU A 217 14.90 9.73 -14.90
C LEU A 217 15.44 10.12 -16.27
N GLU A 218 16.57 10.83 -16.29
CA GLU A 218 17.14 11.31 -17.54
C GLU A 218 17.50 10.13 -18.43
N LYS A 219 17.10 10.21 -19.70
CA LYS A 219 17.28 9.07 -20.60
C LYS A 219 18.75 8.85 -20.93
N LYS A 220 19.46 9.90 -21.35
CA LYS A 220 20.87 9.75 -21.71
C LYS A 220 21.69 9.24 -20.53
N ARG A 221 21.29 9.58 -19.31
CA ARG A 221 22.06 9.18 -18.14
C ARG A 221 21.90 7.70 -17.81
N ILE A 222 20.79 7.09 -18.21
CA ILE A 222 20.59 5.66 -17.94
C ILE A 222 21.43 4.81 -18.88
N LYS A 223 21.44 5.15 -20.17
CA LYS A 223 22.21 4.37 -21.13
C LYS A 223 23.72 4.51 -20.86
N LYS A 224 24.16 5.72 -20.50
CA LYS A 224 25.58 5.94 -20.24
C LYS A 224 26.07 5.04 -19.10
N ARG A 225 25.42 5.15 -17.95
CA ARG A 225 25.83 4.36 -16.78
C ARG A 225 25.40 2.91 -16.86
N LYS A 226 24.66 2.52 -17.90
CA LYS A 226 24.32 1.12 -18.15
C LYS A 226 23.56 0.52 -16.98
N GLY A 227 22.42 1.14 -16.66
CA GLY A 227 21.58 0.68 -15.57
C GLY A 227 20.13 0.57 -15.99
N GLU A 228 19.89 0.03 -17.18
CA GLU A 228 18.53 -0.06 -17.70
C GLU A 228 17.70 -1.06 -16.91
N SER A 229 18.25 -2.25 -16.65
CA SER A 229 17.52 -3.26 -15.90
C SER A 229 17.27 -2.85 -14.46
N MET A 230 18.06 -1.91 -13.92
CA MET A 230 17.78 -1.39 -12.59
C MET A 230 16.63 -0.41 -12.59
N ALA A 231 16.46 0.36 -13.68
CA ALA A 231 15.33 1.27 -13.78
C ALA A 231 14.03 0.51 -13.97
N LEU A 232 14.06 -0.60 -14.70
CA LEU A 232 12.86 -1.43 -14.83
C LEU A 232 12.56 -2.15 -13.53
N ASN A 233 13.58 -2.69 -12.86
CA ASN A 233 13.36 -3.43 -11.62
C ASN A 233 12.61 -2.58 -10.61
N GLU A 234 12.94 -1.30 -10.51
CA GLU A 234 12.26 -0.43 -9.55
C GLU A 234 10.83 -0.14 -9.99
N LYS A 235 10.63 0.12 -11.29
CA LYS A 235 9.29 0.40 -11.78
C LYS A 235 8.38 -0.81 -11.61
N GLN A 236 8.90 -2.01 -11.86
CA GLN A 236 8.10 -3.22 -11.70
C GLN A 236 7.75 -3.46 -10.24
N ILE A 237 8.73 -3.31 -9.34
CA ILE A 237 8.46 -3.50 -7.92
C ILE A 237 7.44 -2.50 -7.42
N LEU A 238 7.55 -1.24 -7.86
CA LEU A 238 6.64 -0.21 -7.37
C LEU A 238 5.21 -0.48 -7.77
N GLU A 239 4.98 -0.96 -9.00
CA GLU A 239 3.61 -1.17 -9.45
C GLU A 239 3.03 -2.46 -8.90
N LYS A 240 3.86 -3.44 -8.57
CA LYS A 240 3.35 -4.73 -8.11
C LYS A 240 2.85 -4.66 -6.67
N VAL A 241 3.42 -3.77 -5.85
CA VAL A 241 3.01 -3.63 -4.46
C VAL A 241 2.00 -2.49 -4.37
N ASN A 242 0.90 -2.73 -3.70
CA ASN A 242 -0.05 -1.67 -3.34
C ASN A 242 -0.23 -1.75 -1.83
N SER A 243 0.33 -0.76 -1.14
CA SER A 243 0.38 -0.77 0.31
C SER A 243 0.10 0.63 0.80
N GLN A 244 -0.55 0.72 1.96
CA GLN A 244 -0.75 2.02 2.58
C GLN A 244 0.55 2.62 3.09
N PHE A 245 1.63 1.82 3.17
CA PHE A 245 2.85 2.21 3.85
C PHE A 245 4.07 2.12 2.95
N VAL A 246 3.87 2.05 1.64
CA VAL A 246 4.94 2.15 0.66
C VAL A 246 4.46 3.08 -0.46
N VAL A 247 5.40 3.86 -1.01
CA VAL A 247 5.05 4.74 -2.12
C VAL A 247 4.57 3.89 -3.28
N ASN A 248 3.42 4.26 -3.84
CA ASN A 248 2.80 3.51 -4.93
C ASN A 248 3.10 4.16 -6.27
N LEU A 249 3.18 3.33 -7.31
CA LEU A 249 3.27 3.80 -8.68
C LEU A 249 1.86 3.95 -9.25
N ALA A 250 1.60 5.09 -9.88
CA ALA A 250 0.33 5.38 -10.52
C ALA A 250 0.42 5.51 -12.03
N TYR A 251 1.56 5.97 -12.54
CA TYR A 251 1.77 6.05 -13.98
C TYR A 251 3.25 5.85 -14.28
N ALA A 252 3.53 5.31 -15.45
CA ALA A 252 4.88 5.21 -15.99
C ALA A 252 4.80 5.53 -17.47
N TYR A 253 5.35 6.67 -17.88
CA TYR A 253 5.32 7.08 -19.27
C TYR A 253 6.69 7.57 -19.69
N GLU A 254 6.92 7.53 -21.00
CA GLU A 254 8.15 8.04 -21.60
C GLU A 254 7.93 9.44 -22.15
N THR A 255 9.03 10.20 -22.22
CA THR A 255 9.01 11.52 -22.84
C THR A 255 10.35 11.70 -23.54
N LYS A 256 10.60 12.92 -24.02
CA LYS A 256 11.87 13.23 -24.64
C LYS A 256 12.90 13.55 -23.57
N ASP A 257 13.96 12.75 -23.52
CA ASP A 257 15.12 12.92 -22.64
C ASP A 257 14.86 12.46 -21.22
N ALA A 258 13.79 11.72 -20.95
CA ALA A 258 13.59 11.20 -19.60
C ALA A 258 12.50 10.13 -19.61
N LEU A 259 12.52 9.32 -18.56
CA LEU A 259 11.43 8.41 -18.23
C LEU A 259 10.81 8.87 -16.91
N CYS A 260 9.49 8.80 -16.80
CA CYS A 260 8.77 9.36 -15.66
C CYS A 260 8.09 8.26 -14.86
N LEU A 261 8.27 8.31 -13.55
CA LEU A 261 7.51 7.52 -12.60
C LEU A 261 6.67 8.47 -11.76
N VAL A 262 5.35 8.31 -11.82
CA VAL A 262 4.42 9.18 -11.10
C VAL A 262 4.07 8.47 -9.80
N LEU A 263 4.54 9.01 -8.68
CA LEU A 263 4.47 8.34 -7.39
C LEU A 263 3.63 9.12 -6.39
N THR A 264 3.33 8.46 -5.28
CA THR A 264 2.63 9.09 -4.16
C THR A 264 3.43 10.30 -3.66
N ILE A 265 2.73 11.45 -3.48
CA ILE A 265 3.39 12.64 -2.96
C ILE A 265 3.48 12.55 -1.44
N MET A 266 4.64 12.91 -0.90
CA MET A 266 4.87 12.91 0.54
C MET A 266 5.33 14.31 0.95
N ASN A 267 4.40 15.09 1.49
CA ASN A 267 4.61 16.49 1.80
C ASN A 267 4.85 16.76 3.28
N GLY A 268 4.96 15.71 4.09
CA GLY A 268 5.10 15.86 5.52
C GLY A 268 6.51 15.79 6.06
N GLY A 269 7.51 15.65 5.20
CA GLY A 269 8.89 15.53 5.63
C GLY A 269 9.38 14.11 5.61
N ASP A 270 10.50 13.89 6.30
CA ASP A 270 11.08 12.56 6.42
C ASP A 270 11.53 12.33 7.86
N LEU A 271 11.62 11.05 8.22
CA LEU A 271 11.81 10.69 9.62
C LEU A 271 13.13 11.23 10.17
N LYS A 272 14.18 11.25 9.35
CA LYS A 272 15.45 11.79 9.80
C LYS A 272 15.29 13.23 10.29
N PHE A 273 14.56 14.04 9.53
CA PHE A 273 14.33 15.42 9.94
C PHE A 273 13.64 15.49 11.28
N HIS A 274 12.56 14.72 11.45
CA HIS A 274 11.80 14.76 12.69
C HIS A 274 12.53 14.14 13.87
N ILE A 275 13.48 13.25 13.61
CA ILE A 275 14.26 12.66 14.70
C ILE A 275 15.25 13.67 15.27
N TYR A 276 15.92 14.43 14.41
CA TYR A 276 17.05 15.25 14.82
C TYR A 276 16.77 16.74 14.87
N ASN A 277 15.87 17.26 14.03
CA ASN A 277 15.54 18.68 14.04
C ASN A 277 14.29 18.98 14.83
N MET A 278 13.28 18.10 14.78
CA MET A 278 12.09 18.24 15.61
C MET A 278 12.18 17.43 16.89
N GLY A 279 13.13 16.50 16.98
CA GLY A 279 13.25 15.61 18.13
C GLY A 279 14.13 16.18 19.23
N ASN A 280 14.44 15.31 20.18
CA ASN A 280 15.08 15.71 21.44
C ASN A 280 16.60 15.83 21.41
N PRO A 281 17.34 15.18 20.47
CA PRO A 281 16.93 14.29 19.37
C PRO A 281 16.27 13.01 19.85
N GLY A 282 15.36 12.47 19.06
CA GLY A 282 14.64 11.26 19.39
C GLY A 282 13.16 11.53 19.63
N PHE A 283 12.43 10.43 19.78
CA PHE A 283 11.00 10.45 20.06
C PHE A 283 10.72 9.74 21.37
N GLU A 284 9.57 10.02 21.95
CA GLU A 284 9.03 9.14 22.97
C GLU A 284 8.83 7.74 22.39
N GLU A 285 8.87 6.74 23.26
CA GLU A 285 8.72 5.37 22.80
C GLU A 285 7.37 5.17 22.11
N GLU A 286 6.28 5.65 22.72
CA GLU A 286 4.96 5.47 22.11
C GLU A 286 4.93 6.08 20.72
N ARG A 287 5.60 7.20 20.51
CA ARG A 287 5.62 7.81 19.18
C ARG A 287 6.42 6.97 18.21
N ALA A 288 7.56 6.41 18.65
CA ALA A 288 8.34 5.53 17.80
C ALA A 288 7.62 4.22 17.54
N LEU A 289 6.79 3.79 18.49
CA LEU A 289 5.95 2.60 18.28
C LEU A 289 5.04 2.78 17.07
N PHE A 290 4.39 3.93 16.97
CA PHE A 290 3.48 4.17 15.85
C PHE A 290 4.20 4.07 14.51
N TYR A 291 5.32 4.79 14.37
CA TYR A 291 6.07 4.73 13.13
C TYR A 291 6.60 3.32 12.87
N ALA A 292 7.10 2.65 13.90
CA ALA A 292 7.60 1.28 13.73
C ALA A 292 6.50 0.36 13.25
N ALA A 293 5.30 0.48 13.82
CA ALA A 293 4.19 -0.37 13.40
C ALA A 293 3.87 -0.17 11.93
N GLU A 294 3.89 1.09 11.47
CA GLU A 294 3.58 1.34 10.07
C GLU A 294 4.71 0.87 9.16
N ILE A 295 5.96 1.07 9.58
CA ILE A 295 7.09 0.57 8.77
C ILE A 295 7.05 -0.94 8.71
N LEU A 296 6.72 -1.60 9.81
CA LEU A 296 6.62 -3.05 9.81
C LEU A 296 5.56 -3.53 8.83
N CYS A 297 4.44 -2.79 8.74
CA CYS A 297 3.40 -3.18 7.79
C CYS A 297 3.85 -2.94 6.35
N GLY A 298 4.61 -1.87 6.12
CA GLY A 298 5.16 -1.67 4.79
C GLY A 298 6.07 -2.82 4.36
N LEU A 299 7.00 -3.21 5.23
CA LEU A 299 7.90 -4.31 4.91
C LEU A 299 7.13 -5.61 4.67
N GLU A 300 6.06 -5.82 5.43
CA GLU A 300 5.26 -7.02 5.25
C GLU A 300 4.63 -7.05 3.86
N ASP A 301 4.11 -5.91 3.39
CA ASP A 301 3.51 -5.86 2.07
C ASP A 301 4.54 -6.15 0.99
N LEU A 302 5.76 -5.62 1.15
CA LEU A 302 6.83 -5.92 0.21
C LEU A 302 7.18 -7.40 0.23
N HIS A 303 7.30 -7.97 1.43
CA HIS A 303 7.69 -9.38 1.54
C HIS A 303 6.62 -10.32 1.01
N ARG A 304 5.36 -9.86 0.92
CA ARG A 304 4.34 -10.65 0.24
C ARG A 304 4.68 -10.88 -1.21
N GLU A 305 5.51 -10.02 -1.82
CA GLU A 305 6.04 -10.23 -3.14
C GLU A 305 7.48 -10.72 -3.12
N ASN A 306 7.89 -11.37 -2.03
CA ASN A 306 9.26 -11.85 -1.86
C ASN A 306 10.26 -10.78 -2.31
N THR A 307 9.97 -9.53 -1.99
CA THR A 307 10.82 -8.40 -2.34
C THR A 307 11.48 -7.86 -1.08
N VAL A 308 12.79 -7.72 -1.13
CA VAL A 308 13.57 -7.17 -0.02
C VAL A 308 13.95 -5.74 -0.36
N TYR A 309 13.86 -4.85 0.64
CA TYR A 309 14.02 -3.42 0.44
C TYR A 309 15.48 -3.00 0.48
N ARG A 310 16.22 -3.48 1.49
CA ARG A 310 17.67 -3.34 1.63
C ARG A 310 18.15 -1.92 1.88
N ASN A 311 17.25 -0.95 2.04
CA ASN A 311 17.66 0.46 2.08
C ASN A 311 16.92 1.20 3.18
N LEU A 312 16.77 0.57 4.34
CA LEU A 312 16.06 1.19 5.45
C LEU A 312 16.99 2.17 6.15
N LYS A 313 16.64 3.46 6.09
CA LYS A 313 17.25 4.49 6.91
C LYS A 313 16.23 5.60 7.10
N PRO A 314 16.38 6.43 8.14
CA PRO A 314 15.29 7.35 8.50
C PRO A 314 14.91 8.32 7.39
N GLU A 315 15.86 8.75 6.57
CA GLU A 315 15.54 9.72 5.52
C GLU A 315 14.74 9.09 4.39
N ASN A 316 14.57 7.78 4.36
CA ASN A 316 13.72 7.14 3.36
C ASN A 316 12.29 6.92 3.85
N ILE A 317 12.04 7.04 5.15
CA ILE A 317 10.68 6.98 5.69
C ILE A 317 10.10 8.39 5.61
N LEU A 318 9.12 8.57 4.71
CA LEU A 318 8.53 9.89 4.49
C LEU A 318 7.19 10.00 5.21
N LEU A 319 6.85 11.22 5.61
CA LEU A 319 5.55 11.53 6.20
C LEU A 319 4.67 12.23 5.17
N ASP A 320 3.36 12.05 5.31
CA ASP A 320 2.37 12.60 4.41
C ASP A 320 1.64 13.77 5.08
N ASP A 321 0.58 14.24 4.42
CA ASP A 321 -0.17 15.39 4.93
C ASP A 321 -0.78 15.10 6.30
N TYR A 322 -1.19 13.85 6.53
CA TYR A 322 -1.88 13.50 7.76
C TYR A 322 -0.94 13.01 8.85
N GLY A 323 0.33 12.78 8.55
CA GLY A 323 1.29 12.31 9.52
C GLY A 323 1.59 10.83 9.46
N HIS A 324 1.00 10.11 8.52
CA HIS A 324 1.37 8.71 8.31
C HIS A 324 2.64 8.62 7.47
N ILE A 325 3.22 7.42 7.44
CA ILE A 325 4.54 7.25 6.82
C ILE A 325 4.46 6.19 5.74
N ARG A 326 5.31 6.35 4.73
CA ARG A 326 5.50 5.36 3.68
C ARG A 326 6.99 5.16 3.45
N ILE A 327 7.38 3.92 3.14
CA ILE A 327 8.73 3.65 2.65
C ILE A 327 8.87 4.24 1.25
N SER A 328 10.06 4.76 0.94
CA SER A 328 10.21 5.56 -0.27
C SER A 328 11.19 4.98 -1.28
N ASP A 329 12.49 5.16 -1.08
CA ASP A 329 13.45 4.87 -2.14
C ASP A 329 13.59 3.38 -2.41
N LEU A 330 12.80 2.86 -3.36
CA LEU A 330 12.85 1.45 -3.72
C LEU A 330 13.91 1.15 -4.76
N GLY A 331 14.89 2.04 -4.94
CA GLY A 331 15.90 1.84 -5.96
C GLY A 331 16.81 0.66 -5.70
N LEU A 332 16.96 0.27 -4.43
CA LEU A 332 17.80 -0.87 -4.06
C LEU A 332 16.98 -2.12 -3.78
N ALA A 333 15.74 -2.18 -4.24
CA ALA A 333 14.88 -3.32 -3.98
C ALA A 333 15.01 -4.33 -5.11
N VAL A 334 14.92 -5.62 -4.76
CA VAL A 334 14.99 -6.71 -5.72
C VAL A 334 14.01 -7.79 -5.31
N LYS A 335 13.41 -8.45 -6.31
CA LYS A 335 12.46 -9.52 -6.08
C LYS A 335 13.21 -10.84 -6.02
N ILE A 336 13.16 -11.49 -4.86
CA ILE A 336 13.83 -12.79 -4.70
C ILE A 336 12.99 -13.87 -5.38
N PRO A 337 13.58 -14.70 -6.24
CA PRO A 337 12.87 -15.90 -6.68
C PRO A 337 12.62 -16.81 -5.48
N GLU A 338 11.35 -17.17 -5.29
CA GLU A 338 10.97 -18.01 -4.15
C GLU A 338 11.92 -19.20 -4.02
N GLY A 339 12.33 -19.48 -2.79
CA GLY A 339 13.25 -20.57 -2.51
C GLY A 339 14.69 -20.30 -2.83
N ASP A 340 15.02 -19.10 -3.31
CA ASP A 340 16.38 -18.74 -3.69
C ASP A 340 16.84 -17.53 -2.88
N LEU A 341 18.15 -17.41 -2.71
CA LEU A 341 18.77 -16.28 -2.03
C LEU A 341 19.54 -15.44 -3.03
N ILE A 342 20.00 -14.28 -2.55
CA ILE A 342 20.73 -13.32 -3.38
C ILE A 342 21.96 -12.85 -2.64
N ARG A 343 22.95 -12.43 -3.40
CA ARG A 343 24.16 -11.81 -2.87
C ARG A 343 24.22 -10.36 -3.32
N GLY A 344 24.69 -9.49 -2.44
CA GLY A 344 24.80 -8.08 -2.79
C GLY A 344 25.16 -7.18 -1.64
N ARG A 345 26.42 -6.73 -1.60
CA ARG A 345 26.85 -5.76 -0.59
C ARG A 345 26.39 -4.38 -1.07
N VAL A 346 25.25 -3.91 -0.56
CA VAL A 346 24.66 -2.67 -1.03
C VAL A 346 23.87 -2.03 0.09
N GLY A 347 23.87 -0.70 0.11
CA GLY A 347 23.11 0.06 1.08
C GLY A 347 23.86 1.33 1.48
N THR A 348 23.67 1.72 2.74
CA THR A 348 24.29 2.91 3.31
C THR A 348 25.11 2.50 4.53
N VAL A 349 26.26 3.16 4.70
CA VAL A 349 27.12 2.81 5.83
C VAL A 349 26.32 2.96 7.11
N GLY A 350 26.37 1.93 7.96
CA GLY A 350 25.69 1.95 9.24
C GLY A 350 24.30 1.37 9.22
N TYR A 351 23.75 1.06 8.05
CA TYR A 351 22.43 0.45 7.95
C TYR A 351 22.48 -0.83 7.12
N MET A 352 23.64 -1.47 7.07
CA MET A 352 23.81 -2.74 6.36
C MET A 352 23.89 -3.88 7.37
N ALA A 353 22.99 -4.85 7.25
CA ALA A 353 23.01 -6.00 8.14
C ALA A 353 24.36 -6.72 8.03
N PRO A 354 24.77 -7.42 9.09
CA PRO A 354 26.08 -8.10 9.02
C PRO A 354 26.21 -9.07 7.86
N GLU A 355 25.13 -9.76 7.46
CA GLU A 355 25.23 -10.68 6.33
C GLU A 355 25.41 -9.94 5.01
N VAL A 356 24.97 -8.68 4.94
CA VAL A 356 25.20 -7.89 3.73
C VAL A 356 26.64 -7.39 3.68
N LEU A 357 27.13 -6.87 4.81
CA LEU A 357 28.53 -6.42 4.86
C LEU A 357 29.48 -7.54 4.45
N ASN A 358 29.22 -8.76 4.93
CA ASN A 358 30.05 -9.90 4.59
C ASN A 358 29.84 -10.39 3.16
N ASN A 359 28.84 -9.88 2.46
CA ASN A 359 28.58 -10.23 1.06
C ASN A 359 28.18 -11.71 0.95
N GLN A 360 27.25 -12.11 1.80
CA GLN A 360 26.75 -13.47 1.83
C GLN A 360 25.42 -13.57 1.08
N ARG A 361 24.94 -14.80 0.93
CA ARG A 361 23.61 -15.05 0.40
C ARG A 361 22.60 -14.81 1.50
N TYR A 362 21.68 -13.88 1.27
CA TYR A 362 20.65 -13.52 2.24
C TYR A 362 19.30 -13.45 1.52
N GLY A 363 18.27 -13.14 2.29
CA GLY A 363 16.93 -12.97 1.74
C GLY A 363 16.28 -11.71 2.24
N LEU A 364 15.24 -11.85 3.06
CA LEU A 364 14.53 -10.70 3.61
C LEU A 364 15.15 -10.20 4.91
N SER A 365 16.11 -10.92 5.48
CA SER A 365 16.59 -10.58 6.81
C SER A 365 17.18 -9.17 6.92
N PRO A 366 17.80 -8.59 5.88
CA PRO A 366 18.30 -7.22 6.04
C PRO A 366 17.23 -6.21 6.43
N ASP A 367 15.98 -6.41 5.98
CA ASP A 367 14.95 -5.43 6.31
C ASP A 367 14.60 -5.44 7.79
N TYR A 368 14.71 -6.59 8.45
CA TYR A 368 14.42 -6.66 9.88
C TYR A 368 15.57 -6.10 10.71
N TRP A 369 16.82 -6.29 10.26
CA TRP A 369 17.93 -5.55 10.84
C TRP A 369 17.70 -4.05 10.69
N GLY A 370 17.28 -3.63 9.49
CA GLY A 370 17.01 -2.22 9.28
C GLY A 370 15.91 -1.70 10.17
N LEU A 371 14.91 -2.53 10.45
CA LEU A 371 13.85 -2.13 11.37
C LEU A 371 14.39 -1.97 12.78
N GLY A 372 15.30 -2.86 13.21
CA GLY A 372 15.95 -2.67 14.49
C GLY A 372 16.70 -1.35 14.56
N CYS A 373 17.48 -1.04 13.51
CA CYS A 373 18.18 0.25 13.47
C CYS A 373 17.21 1.41 13.63
N LEU A 374 16.02 1.30 13.03
CA LEU A 374 15.08 2.42 13.02
C LEU A 374 14.44 2.60 14.40
N ILE A 375 13.91 1.53 14.99
CA ILE A 375 13.30 1.64 16.32
C ILE A 375 14.31 2.18 17.32
N TYR A 376 15.52 1.63 17.30
CA TYR A 376 16.56 2.12 18.20
C TYR A 376 16.82 3.60 17.97
N GLU A 377 17.06 3.99 16.71
CA GLU A 377 17.45 5.36 16.41
C GLU A 377 16.33 6.34 16.74
N MET A 378 15.08 5.94 16.50
CA MET A 378 13.97 6.81 16.88
C MET A 378 13.96 7.05 18.38
N ILE A 379 14.17 6.00 19.18
CA ILE A 379 14.04 6.12 20.63
C ILE A 379 15.23 6.84 21.23
N GLU A 380 16.45 6.42 20.86
CA GLU A 380 17.64 6.92 21.53
C GLU A 380 18.12 8.25 20.96
N GLY A 381 17.78 8.57 19.72
CA GLY A 381 18.26 9.79 19.09
C GLY A 381 19.61 9.65 18.43
N GLN A 382 20.09 8.43 18.22
CA GLN A 382 21.36 8.20 17.54
C GLN A 382 21.41 6.74 17.10
N SER A 383 22.35 6.44 16.20
CA SER A 383 22.49 5.10 15.67
C SER A 383 23.06 4.17 16.75
N PRO A 384 22.64 2.90 16.75
CA PRO A 384 23.16 1.97 17.77
C PRO A 384 24.64 1.66 17.64
N PHE A 385 25.28 1.98 16.52
CA PHE A 385 26.69 1.66 16.33
C PHE A 385 27.53 2.89 16.01
N ARG A 386 26.96 4.09 16.13
CA ARG A 386 27.71 5.32 15.96
C ARG A 386 27.05 6.41 16.79
N GLY A 387 27.83 7.04 17.66
CA GLY A 387 27.30 8.14 18.43
C GLY A 387 27.01 9.35 17.58
N ARG A 388 25.96 10.08 17.95
CA ARG A 388 25.61 11.30 17.22
C ARG A 388 26.77 12.29 17.27
N LYS A 389 27.48 12.33 18.40
CA LYS A 389 28.63 13.21 18.60
C LYS A 389 29.95 12.47 18.47
N GLU A 390 30.01 11.46 17.62
CA GLU A 390 31.19 10.60 17.50
C GLU A 390 31.70 10.67 16.07
N LYS A 391 33.01 10.83 15.93
CA LYS A 391 33.67 10.85 14.62
C LYS A 391 34.43 9.54 14.48
N VAL A 392 33.86 8.60 13.72
CA VAL A 392 34.44 7.28 13.51
C VAL A 392 34.41 6.98 12.03
N LYS A 393 35.30 6.08 11.61
CA LYS A 393 35.47 5.77 10.20
C LYS A 393 34.64 4.55 9.83
N ARG A 394 34.32 4.45 8.53
CA ARG A 394 33.46 3.39 8.04
C ARG A 394 33.91 2.01 8.52
N GLU A 395 35.22 1.85 8.74
CA GLU A 395 35.74 0.56 9.17
C GLU A 395 35.33 0.25 10.60
N GLU A 396 35.38 1.25 11.49
CA GLU A 396 34.99 1.03 12.88
C GLU A 396 33.48 0.87 12.99
N VAL A 397 32.72 1.64 12.22
CA VAL A 397 31.27 1.49 12.23
C VAL A 397 30.88 0.08 11.80
N ASP A 398 31.60 -0.47 10.82
CA ASP A 398 31.29 -1.81 10.34
C ASP A 398 31.75 -2.88 11.32
N ARG A 399 32.92 -2.67 11.96
CA ARG A 399 33.38 -3.61 12.96
C ARG A 399 32.37 -3.75 14.09
N ARG A 400 31.81 -2.62 14.54
CA ARG A 400 30.81 -2.66 15.62
C ARG A 400 29.59 -3.46 15.22
N VAL A 401 29.11 -3.27 13.98
CA VAL A 401 27.92 -3.99 13.52
C VAL A 401 28.17 -5.50 13.51
N LEU A 402 29.43 -5.92 13.36
CA LEU A 402 29.75 -7.34 13.27
C LEU A 402 30.22 -7.95 14.58
N GLU A 403 30.74 -7.15 15.52
CA GLU A 403 31.37 -7.67 16.72
C GLU A 403 30.92 -7.01 18.01
N THR A 404 30.20 -5.89 17.96
CA THR A 404 29.83 -5.14 19.14
C THR A 404 28.35 -5.33 19.48
N GLU A 405 28.06 -5.51 20.76
CA GLU A 405 26.68 -5.58 21.24
C GLU A 405 26.23 -4.17 21.60
N GLU A 406 25.17 -3.70 20.94
CA GLU A 406 24.65 -2.37 21.21
C GLU A 406 24.14 -2.28 22.65
N VAL A 407 24.16 -1.08 23.18
CA VAL A 407 23.75 -0.82 24.56
C VAL A 407 22.46 0.01 24.54
N TYR A 408 21.68 -0.11 25.60
CA TYR A 408 20.40 0.56 25.71
C TYR A 408 20.40 1.45 26.95
N SER A 409 19.35 2.27 27.06
CA SER A 409 19.24 3.25 28.12
C SER A 409 17.81 3.22 28.66
N HIS A 410 17.56 4.10 29.65
CA HIS A 410 16.24 4.19 30.26
C HIS A 410 15.18 4.73 29.31
N LYS A 411 15.56 5.19 28.12
CA LYS A 411 14.56 5.57 27.12
C LYS A 411 13.79 4.37 26.61
N PHE A 412 14.32 3.16 26.80
CA PHE A 412 13.72 1.93 26.31
C PHE A 412 13.03 1.21 27.47
N SER A 413 11.77 0.84 27.27
CA SER A 413 11.17 -0.15 28.15
C SER A 413 11.85 -1.49 27.95
N GLU A 414 11.57 -2.43 28.85
CA GLU A 414 12.11 -3.77 28.66
C GLU A 414 11.61 -4.36 27.35
N GLU A 415 10.34 -4.10 27.01
CA GLU A 415 9.79 -4.59 25.75
C GLU A 415 10.52 -3.97 24.55
N ALA A 416 10.87 -2.69 24.65
CA ALA A 416 11.58 -2.04 23.54
C ALA A 416 13.00 -2.56 23.42
N LYS A 417 13.73 -2.68 24.54
CA LYS A 417 15.05 -3.30 24.50
C LYS A 417 14.99 -4.66 23.83
N SER A 418 13.97 -5.45 24.16
CA SER A 418 13.87 -6.82 23.64
C SER A 418 13.77 -6.83 22.12
N ILE A 419 12.75 -6.17 21.57
CA ILE A 419 12.55 -6.23 20.12
C ILE A 419 13.76 -5.70 19.38
N CYS A 420 14.43 -4.69 19.95
CA CYS A 420 15.55 -4.08 19.24
C CYS A 420 16.73 -5.03 19.14
N LYS A 421 17.10 -5.66 20.25
CA LYS A 421 18.21 -6.59 20.24
C LYS A 421 17.85 -7.92 19.60
N MET A 422 16.56 -8.29 19.60
CA MET A 422 16.13 -9.44 18.81
C MET A 422 16.23 -9.15 17.32
N LEU A 423 15.85 -7.94 16.90
CA LEU A 423 15.98 -7.55 15.50
C LEU A 423 17.43 -7.28 15.13
N LEU A 424 18.24 -6.85 16.10
CA LEU A 424 19.66 -6.62 15.88
C LEU A 424 20.51 -7.86 16.17
N THR A 425 19.89 -9.03 16.18
CA THR A 425 20.63 -10.28 16.28
C THR A 425 21.57 -10.40 15.09
N LYS A 426 22.87 -10.53 15.38
CA LYS A 426 23.87 -10.59 14.31
C LYS A 426 23.57 -11.74 13.34
N ASP A 427 23.30 -12.92 13.88
CA ASP A 427 23.06 -14.10 13.07
C ASP A 427 21.66 -14.01 12.47
N ALA A 428 21.58 -13.85 11.14
CA ALA A 428 20.29 -13.66 10.49
C ALA A 428 19.34 -14.83 10.71
N LYS A 429 19.86 -15.98 11.14
CA LYS A 429 19.00 -17.14 11.35
C LYS A 429 18.19 -17.04 12.64
N GLN A 430 18.74 -16.41 13.68
CA GLN A 430 18.05 -16.24 14.95
C GLN A 430 17.46 -14.85 15.11
N ARG A 431 17.30 -14.11 14.01
CA ARG A 431 16.83 -12.75 14.06
C ARG A 431 15.30 -12.71 13.98
N LEU A 432 14.70 -11.81 14.76
CA LEU A 432 13.25 -11.71 14.79
C LEU A 432 12.71 -11.47 13.39
N GLY A 433 11.62 -12.18 13.06
CA GLY A 433 10.97 -12.02 11.78
C GLY A 433 11.62 -12.75 10.62
N CYS A 434 12.80 -13.35 10.82
CA CYS A 434 13.50 -14.07 9.77
C CYS A 434 13.20 -15.57 9.77
N GLN A 435 12.04 -15.96 10.30
CA GLN A 435 11.60 -17.34 10.30
C GLN A 435 10.49 -17.51 9.27
N GLU A 436 9.99 -18.76 9.17
CA GLU A 436 8.91 -19.04 8.23
C GLU A 436 7.67 -18.22 8.55
N GLU A 437 7.51 -17.82 9.82
CA GLU A 437 6.34 -17.04 10.21
C GLU A 437 6.38 -15.63 9.63
N GLY A 438 7.58 -15.06 9.46
CA GLY A 438 7.70 -13.76 8.84
C GLY A 438 7.36 -12.62 9.77
N ALA A 439 6.66 -11.61 9.23
CA ALA A 439 6.34 -10.42 10.01
C ALA A 439 5.36 -10.70 11.14
N ALA A 440 4.63 -11.83 11.08
CA ALA A 440 3.72 -12.16 12.15
C ALA A 440 4.45 -12.28 13.49
N GLU A 441 5.67 -12.83 13.47
CA GLU A 441 6.44 -12.96 14.71
C GLU A 441 6.78 -11.60 15.29
N VAL A 442 6.93 -10.58 14.45
CA VAL A 442 7.28 -9.26 14.95
C VAL A 442 6.06 -8.56 15.54
N LYS A 443 4.91 -8.66 14.87
CA LYS A 443 3.70 -8.03 15.37
C LYS A 443 3.28 -8.62 16.72
N ARG A 444 3.64 -9.87 16.98
CA ARG A 444 3.34 -10.50 18.26
C ARG A 444 4.31 -10.11 19.36
N HIS A 445 5.39 -9.41 19.04
CA HIS A 445 6.39 -9.12 20.05
C HIS A 445 5.80 -8.22 21.14
N PRO A 446 6.15 -8.44 22.41
CA PRO A 446 5.57 -7.62 23.48
C PRO A 446 5.72 -6.11 23.27
N PHE A 447 6.62 -5.68 22.38
CA PHE A 447 6.78 -4.24 22.13
C PHE A 447 5.54 -3.66 21.47
N PHE A 448 4.77 -4.47 20.74
CA PHE A 448 3.52 -4.03 20.14
C PHE A 448 2.30 -4.53 20.93
N ARG A 449 2.48 -4.85 22.22
CA ARG A 449 1.38 -5.38 23.02
C ARG A 449 0.18 -4.44 23.03
N ASN A 450 0.40 -3.13 22.93
CA ASN A 450 -0.67 -2.16 23.01
C ASN A 450 -1.08 -1.61 21.65
N MET A 451 -0.65 -2.26 20.56
CA MET A 451 -0.92 -1.79 19.21
C MET A 451 -1.92 -2.72 18.55
N ASN A 452 -3.02 -2.15 18.04
CA ASN A 452 -4.01 -2.89 17.28
C ASN A 452 -3.71 -2.70 15.80
N PHE A 453 -3.23 -3.76 15.15
CA PHE A 453 -2.80 -3.65 13.75
C PHE A 453 -3.96 -3.62 12.77
N LYS A 454 -5.13 -4.16 13.14
CA LYS A 454 -6.29 -4.02 12.28
C LYS A 454 -6.72 -2.56 12.19
N ARG A 455 -6.78 -1.88 13.34
CA ARG A 455 -7.14 -0.46 13.32
C ARG A 455 -6.05 0.39 12.66
N LEU A 456 -4.79 -0.01 12.80
CA LEU A 456 -3.71 0.73 12.15
C LEU A 456 -3.75 0.55 10.64
N GLU A 457 -3.95 -0.68 10.18
CA GLU A 457 -4.07 -0.92 8.74
C GLU A 457 -5.29 -0.23 8.16
N ALA A 458 -6.28 0.10 8.98
CA ALA A 458 -7.49 0.77 8.54
C ALA A 458 -7.41 2.28 8.66
N GLY A 459 -6.24 2.82 9.02
CA GLY A 459 -6.10 4.26 9.17
C GLY A 459 -6.95 4.86 10.26
N MET A 460 -7.24 4.10 11.31
CA MET A 460 -8.10 4.56 12.40
C MET A 460 -7.33 5.04 13.63
N LEU A 461 -6.01 5.04 13.59
CA LEU A 461 -5.19 5.47 14.71
C LEU A 461 -4.57 6.82 14.37
N ASP A 462 -4.81 7.81 15.21
CA ASP A 462 -4.30 9.15 14.97
C ASP A 462 -2.77 9.16 15.01
N PRO A 463 -2.10 9.66 13.97
CA PRO A 463 -0.64 9.81 14.04
C PRO A 463 -0.23 10.68 15.20
N PRO A 464 1.02 10.56 15.68
CA PRO A 464 1.48 11.39 16.80
C PRO A 464 1.90 12.80 16.40
N PHE A 465 2.10 13.06 15.11
CA PHE A 465 2.48 14.38 14.64
C PHE A 465 1.82 14.63 13.29
N VAL A 466 1.13 15.76 13.16
CA VAL A 466 0.42 16.13 11.95
C VAL A 466 1.13 17.32 11.32
N PRO A 467 1.77 17.15 10.16
CA PRO A 467 2.39 18.31 9.50
C PRO A 467 1.36 19.40 9.22
N ASP A 468 1.77 20.64 9.44
CA ASP A 468 0.93 21.78 9.10
C ASP A 468 0.90 21.94 7.58
N PRO A 469 -0.28 22.12 6.96
CA PRO A 469 -0.32 22.16 5.48
C PRO A 469 0.67 23.13 4.86
N ARG A 470 0.68 24.37 5.32
CA ARG A 470 1.53 25.41 4.74
C ARG A 470 3.02 25.18 4.99
N ALA A 471 3.40 24.14 5.74
CA ALA A 471 4.77 23.99 6.21
C ALA A 471 5.70 23.55 5.08
N VAL A 472 6.99 23.64 5.35
CA VAL A 472 8.02 23.19 4.42
C VAL A 472 9.05 22.37 5.20
N TYR A 473 8.73 21.11 5.48
CA TYR A 473 9.54 20.26 6.34
C TYR A 473 10.74 19.76 5.55
N CYS A 474 11.85 20.49 5.66
CA CYS A 474 13.10 20.10 5.00
C CYS A 474 14.29 20.79 5.66
N ASN A 490 22.07 6.65 -29.17
CA ASN A 490 21.04 7.64 -28.94
C ASN A 490 19.77 7.31 -29.71
N LEU A 491 19.95 6.85 -30.95
CA LEU A 491 18.84 6.43 -31.80
C LEU A 491 18.85 4.91 -32.02
N ASP A 492 19.35 4.16 -31.03
CA ASP A 492 19.38 2.71 -31.14
C ASP A 492 17.98 2.14 -31.02
N HIS A 493 17.83 0.90 -31.48
CA HIS A 493 16.55 0.19 -31.35
C HIS A 493 16.46 -0.59 -30.06
N THR A 494 17.59 -1.04 -29.52
CA THR A 494 17.58 -1.65 -28.19
C THR A 494 17.04 -0.68 -27.15
N ASP A 495 17.32 0.60 -27.31
CA ASP A 495 16.74 1.61 -26.42
C ASP A 495 15.23 1.73 -26.64
N ASP A 496 14.76 1.49 -27.86
CA ASP A 496 13.32 1.52 -28.12
C ASP A 496 12.61 0.35 -27.45
N ASP A 497 13.18 -0.86 -27.55
CA ASP A 497 12.57 -2.02 -26.92
C ASP A 497 12.55 -1.88 -25.40
N PHE A 498 13.56 -1.22 -24.83
CA PHE A 498 13.61 -1.06 -23.38
C PHE A 498 12.54 -0.11 -22.88
N TYR A 499 12.08 0.82 -23.72
CA TYR A 499 11.04 1.76 -23.29
C TYR A 499 9.67 1.09 -23.23
N SER A 500 9.32 0.32 -24.26
CA SER A 500 7.99 -0.28 -24.31
C SER A 500 7.72 -1.15 -23.07
N LYS A 501 8.77 -1.78 -22.52
CA LYS A 501 8.59 -2.56 -21.30
C LYS A 501 8.39 -1.67 -20.08
N PHE A 502 8.94 -0.45 -20.10
CA PHE A 502 8.85 0.47 -18.98
C PHE A 502 7.58 1.31 -19.04
N SER A 503 7.33 1.98 -20.17
CA SER A 503 6.23 2.93 -20.30
C SER A 503 4.92 2.18 -20.53
N THR A 504 4.47 1.52 -19.47
CA THR A 504 3.25 0.71 -19.51
C THR A 504 1.99 1.52 -19.23
N GLY A 505 2.10 2.82 -19.00
CA GLY A 505 0.92 3.63 -18.78
C GLY A 505 0.43 3.58 -17.35
N SER A 506 -0.86 3.80 -17.17
CA SER A 506 -1.44 3.94 -15.84
C SER A 506 -1.49 2.59 -15.13
N VAL A 507 -1.40 2.65 -13.80
CA VAL A 507 -1.51 1.46 -12.96
C VAL A 507 -2.95 1.31 -12.49
N SER A 508 -3.45 0.08 -12.54
CA SER A 508 -4.89 -0.17 -12.44
C SER A 508 -5.46 0.30 -11.12
N ILE A 509 -5.06 -0.32 -10.00
CA ILE A 509 -5.64 0.04 -8.71
C ILE A 509 -5.42 1.50 -8.38
N PRO A 510 -4.21 2.06 -8.49
CA PRO A 510 -4.04 3.49 -8.18
C PRO A 510 -4.89 4.41 -9.05
N TRP A 511 -4.98 4.12 -10.35
CA TRP A 511 -5.79 4.94 -11.24
C TRP A 511 -7.25 4.96 -10.81
N GLN A 512 -7.81 3.78 -10.49
CA GLN A 512 -9.21 3.74 -10.05
C GLN A 512 -9.39 4.47 -8.73
N ASN A 513 -8.42 4.36 -7.82
CA ASN A 513 -8.50 5.10 -6.57
C ASN A 513 -8.42 6.60 -6.81
N GLU A 514 -7.63 7.03 -7.80
CA GLU A 514 -7.58 8.46 -8.13
C GLU A 514 -8.96 8.95 -8.57
N MET A 515 -9.60 8.21 -9.48
CA MET A 515 -10.93 8.61 -9.96
C MET A 515 -11.92 8.72 -8.81
N ILE A 516 -11.73 7.95 -7.74
CA ILE A 516 -12.64 7.97 -6.60
C ILE A 516 -12.32 9.09 -5.63
N GLU A 517 -11.04 9.29 -5.30
CA GLU A 517 -10.66 10.37 -4.40
C GLU A 517 -11.10 11.73 -4.94
N THR A 518 -10.90 11.97 -6.23
CA THR A 518 -11.24 13.24 -6.85
C THR A 518 -12.72 13.39 -7.16
N GLU A 519 -13.55 12.43 -6.77
CA GLU A 519 -14.99 12.45 -7.04
C GLU A 519 -15.30 12.48 -8.52
N CYS A 520 -14.33 12.14 -9.38
CA CYS A 520 -14.64 11.98 -10.80
C CYS A 520 -15.57 10.79 -11.01
N PHE A 521 -15.37 9.71 -10.24
CA PHE A 521 -16.25 8.56 -10.31
C PHE A 521 -17.66 8.90 -9.85
N LYS A 522 -17.77 9.47 -8.64
CA LYS A 522 -19.08 9.85 -8.11
C LYS A 522 -19.85 10.70 -9.11
N GLU A 523 -19.15 11.53 -9.87
CA GLU A 523 -19.75 12.49 -10.79
C GLU A 523 -20.11 11.87 -12.14
N LEU A 524 -19.19 11.11 -12.74
CA LEU A 524 -19.44 10.56 -14.05
C LEU A 524 -20.29 9.29 -14.01
N ASN A 525 -20.27 8.55 -12.90
CA ASN A 525 -20.97 7.27 -12.83
C ASN A 525 -22.46 7.55 -12.62
N VAL A 526 -23.11 7.89 -13.72
CA VAL A 526 -24.54 8.21 -13.72
C VAL A 526 -25.24 7.32 -14.74
N PHE A 527 -26.48 6.98 -14.43
CA PHE A 527 -27.28 6.09 -15.26
C PHE A 527 -28.57 6.80 -15.68
N GLY A 528 -29.46 6.05 -16.33
CA GLY A 528 -30.74 6.58 -16.73
C GLY A 528 -31.66 6.77 -15.54
N PRO A 529 -32.67 7.63 -15.70
CA PRO A 529 -33.62 7.83 -14.59
C PRO A 529 -34.41 6.57 -14.30
N ASN A 530 -34.47 6.21 -13.02
CA ASN A 530 -35.24 5.06 -12.54
C ASN A 530 -34.68 3.75 -13.12
N GLY A 531 -33.39 3.53 -12.87
CA GLY A 531 -32.77 2.26 -13.23
C GLY A 531 -32.93 1.88 -14.68
N THR A 532 -32.80 2.85 -15.58
CA THR A 532 -32.87 2.61 -17.01
C THR A 532 -31.50 2.84 -17.64
N LEU A 533 -31.34 2.32 -18.85
CA LEU A 533 -30.04 2.39 -19.52
C LEU A 533 -29.77 3.81 -19.99
N PRO A 534 -28.64 4.41 -19.61
CA PRO A 534 -28.24 5.67 -20.23
C PRO A 534 -27.83 5.44 -21.67
N PRO A 535 -27.68 6.51 -22.47
CA PRO A 535 -27.38 6.31 -23.90
C PRO A 535 -26.07 5.58 -24.15
N ASP A 536 -25.03 5.90 -23.38
CA ASP A 536 -23.71 5.32 -23.63
C ASP A 536 -23.67 3.81 -23.40
N LEU A 537 -24.67 3.24 -22.73
CA LEU A 537 -24.74 1.81 -22.46
C LEU A 537 -25.82 1.11 -23.28
N ASN A 538 -26.46 1.82 -24.21
CA ASN A 538 -27.54 1.28 -25.01
C ASN A 538 -27.04 1.09 -26.43
N ARG A 539 -26.93 -0.17 -26.85
CA ARG A 539 -26.36 -0.50 -28.16
C ARG A 539 -27.30 -0.18 -29.32
N ASN A 540 -28.49 0.35 -29.07
CA ASN A 540 -29.43 0.61 -30.15
C ASN A 540 -29.06 1.88 -30.92
N HIS A 541 -28.86 3.00 -30.21
CA HIS A 541 -28.42 4.22 -30.87
C HIS A 541 -27.03 4.60 -30.36
N PRO A 542 -25.99 4.60 -31.21
CA PRO A 542 -24.68 5.05 -30.74
C PRO A 542 -24.43 6.54 -30.99
#